data_2VR9
#
_entry.id   2VR9
#
_cell.length_a   115.398
_cell.length_b   115.398
_cell.length_c   144.714
_cell.angle_alpha   90.00
_cell.angle_beta   90.00
_cell.angle_gamma   90.00
#
_symmetry.space_group_name_H-M   'P 41 21 2'
#
_entity_poly.entity_id   1
_entity_poly.type   'polypeptide(L)'
_entity_poly.pdbx_seq_one_letter_code
;APLAGQYQSPRIIEHPTDLVVKKNEPATLNCKVEGKPEPTIEWFKDGEPVSTNEKKSHRVQFKDGALFFYRTMQGKKEQD
GGEYWCVAKNRVGQAVSRHASLQIAVLRDDFRVEPKDTRVAKGETALLECGPPKGIPEPTLIWIKDGVPLDDLKAMSFGA
SSRVRIVDGGNLLISNVEPIDEGNYKCIAQNLVGTRESSYAKLIVQVKAAAHHHHHH
;
_entity_poly.pdbx_strand_id   A,B,C
#
# COMPACT_ATOMS: atom_id res chain seq x y z
N GLN A 6 -31.86 -49.39 30.02
CA GLN A 6 -32.79 -48.27 30.39
C GLN A 6 -33.70 -47.81 29.24
N TYR A 7 -33.39 -46.67 28.63
CA TYR A 7 -34.20 -46.15 27.52
C TYR A 7 -33.46 -45.18 26.62
N GLN A 8 -32.37 -45.64 26.02
CA GLN A 8 -31.55 -44.78 25.16
C GLN A 8 -32.06 -44.56 23.73
N SER A 9 -31.94 -43.31 23.30
CA SER A 9 -32.37 -42.91 21.97
C SER A 9 -31.32 -43.38 20.97
N PRO A 10 -31.77 -43.74 19.75
CA PRO A 10 -30.92 -44.22 18.67
C PRO A 10 -29.64 -43.43 18.44
N ARG A 11 -28.59 -44.16 18.12
CA ARG A 11 -27.28 -43.55 17.85
C ARG A 11 -26.68 -44.32 16.69
N ILE A 12 -25.92 -43.65 15.83
CA ILE A 12 -25.30 -44.34 14.72
C ILE A 12 -23.83 -44.57 15.07
N ILE A 13 -23.44 -45.82 15.28
CA ILE A 13 -22.06 -46.08 15.64
C ILE A 13 -21.16 -46.37 14.44
N GLU A 14 -21.74 -46.71 13.29
CA GLU A 14 -20.91 -46.92 12.11
C GLU A 14 -21.63 -46.41 10.87
N HIS A 15 -21.07 -45.38 10.27
CA HIS A 15 -21.64 -44.77 9.08
C HIS A 15 -21.24 -45.47 7.79
N PRO A 16 -22.13 -45.44 6.79
CA PRO A 16 -21.81 -46.09 5.52
C PRO A 16 -20.79 -45.18 4.83
N THR A 17 -19.82 -45.77 4.14
CA THR A 17 -18.79 -44.96 3.45
C THR A 17 -18.89 -45.03 1.93
N ASP A 18 -18.46 -43.94 1.27
CA ASP A 18 -18.50 -43.88 -0.19
C ASP A 18 -17.89 -45.12 -0.77
N LEU A 19 -18.44 -45.58 -1.90
CA LEU A 19 -17.96 -46.80 -2.53
C LEU A 19 -18.09 -46.83 -4.05
N VAL A 20 -17.04 -47.33 -4.70
CA VAL A 20 -17.01 -47.44 -6.15
C VAL A 20 -16.99 -48.93 -6.44
N VAL A 21 -17.81 -49.36 -7.40
CA VAL A 21 -17.86 -50.78 -7.71
C VAL A 21 -17.96 -51.08 -9.19
N LYS A 22 -17.39 -52.24 -9.58
CA LYS A 22 -17.41 -52.69 -10.97
C LYS A 22 -18.81 -53.21 -11.26
N LYS A 23 -19.42 -52.72 -12.32
CA LYS A 23 -20.77 -53.16 -12.68
C LYS A 23 -20.98 -54.66 -12.46
N ASN A 24 -22.16 -55.00 -11.96
CA ASN A 24 -22.59 -56.37 -11.69
C ASN A 24 -21.89 -57.09 -10.54
N GLU A 25 -20.87 -56.46 -9.96
CA GLU A 25 -20.18 -57.06 -8.83
C GLU A 25 -21.04 -56.73 -7.62
N PRO A 26 -20.82 -57.42 -6.49
CA PRO A 26 -21.62 -57.13 -5.29
C PRO A 26 -21.16 -55.83 -4.62
N ALA A 27 -22.00 -55.29 -3.75
CA ALA A 27 -21.68 -54.04 -3.02
C ALA A 27 -22.35 -54.01 -1.65
N THR A 28 -21.72 -53.32 -0.71
CA THR A 28 -22.27 -53.20 0.65
C THR A 28 -22.10 -51.82 1.32
N LEU A 29 -23.20 -51.32 1.90
CA LEU A 29 -23.21 -50.05 2.62
C LEU A 29 -23.62 -50.37 4.06
N ASN A 30 -22.76 -50.02 5.03
CA ASN A 30 -23.05 -50.31 6.44
C ASN A 30 -23.89 -49.32 7.22
N CYS A 31 -24.49 -49.80 8.31
CA CYS A 31 -25.30 -48.97 9.18
C CYS A 31 -25.43 -49.59 10.57
N LYS A 32 -24.37 -49.47 11.36
CA LYS A 32 -24.32 -50.00 12.72
C LYS A 32 -25.06 -49.06 13.65
N VAL A 33 -26.19 -49.53 14.12
CA VAL A 33 -27.03 -48.73 14.99
C VAL A 33 -27.07 -49.20 16.44
N GLU A 34 -27.29 -48.25 17.36
CA GLU A 34 -27.34 -48.54 18.78
C GLU A 34 -28.60 -47.90 19.38
N GLY A 35 -29.29 -48.62 20.27
CA GLY A 35 -30.47 -48.04 20.89
C GLY A 35 -31.34 -49.01 21.68
N LYS A 36 -32.00 -48.50 22.73
CA LYS A 36 -32.86 -49.33 23.58
C LYS A 36 -34.18 -48.60 23.80
N PRO A 37 -35.29 -49.13 23.26
CA PRO A 37 -35.49 -50.34 22.45
C PRO A 37 -34.57 -50.43 21.24
N GLU A 38 -34.41 -51.63 20.69
CA GLU A 38 -33.56 -51.80 19.52
C GLU A 38 -34.18 -50.98 18.41
N PRO A 39 -33.40 -50.08 17.81
CA PRO A 39 -33.93 -49.23 16.74
C PRO A 39 -34.20 -49.98 15.45
N THR A 40 -35.16 -49.48 14.68
CA THR A 40 -35.47 -50.09 13.38
C THR A 40 -34.74 -49.24 12.35
N ILE A 41 -34.12 -49.89 11.38
CA ILE A 41 -33.36 -49.17 10.37
C ILE A 41 -34.04 -49.08 9.00
N GLU A 42 -34.07 -47.88 8.43
CA GLU A 42 -34.67 -47.64 7.12
C GLU A 42 -33.64 -46.99 6.18
N TRP A 43 -33.62 -47.40 4.91
CA TRP A 43 -32.67 -46.84 3.95
C TRP A 43 -33.28 -45.89 2.94
N PHE A 44 -32.48 -44.91 2.52
CA PHE A 44 -32.90 -43.89 1.54
C PHE A 44 -31.89 -43.69 0.41
N LYS A 45 -32.42 -43.57 -0.81
CA LYS A 45 -31.59 -43.33 -1.99
C LYS A 45 -32.09 -42.08 -2.70
N ASP A 46 -31.26 -41.05 -2.71
CA ASP A 46 -31.62 -39.79 -3.34
C ASP A 46 -32.94 -39.27 -2.81
N GLY A 47 -33.07 -39.24 -1.49
CA GLY A 47 -34.28 -38.72 -0.88
C GLY A 47 -35.49 -39.64 -0.80
N GLU A 48 -35.49 -40.72 -1.57
CA GLU A 48 -36.61 -41.65 -1.53
C GLU A 48 -36.28 -42.89 -0.72
N PRO A 49 -37.29 -43.49 -0.07
CA PRO A 49 -37.00 -44.69 0.73
C PRO A 49 -36.70 -45.89 -0.17
N VAL A 50 -35.65 -46.63 0.19
CA VAL A 50 -35.24 -47.81 -0.56
C VAL A 50 -36.14 -48.98 -0.20
N SER A 51 -37.09 -49.31 -1.07
CA SER A 51 -38.02 -50.42 -0.81
C SER A 51 -37.20 -51.71 -0.80
N THR A 52 -36.80 -52.16 0.39
CA THR A 52 -35.95 -53.36 0.47
C THR A 52 -36.45 -54.43 1.45
N ASN A 53 -35.51 -54.92 2.26
CA ASN A 53 -35.75 -55.97 3.25
C ASN A 53 -35.87 -57.31 2.52
N GLU A 54 -36.90 -57.39 1.67
CA GLU A 54 -37.18 -58.59 0.88
C GLU A 54 -38.18 -58.26 -0.25
N LYS A 55 -38.74 -59.32 -0.83
CA LYS A 55 -39.69 -59.25 -1.95
C LYS A 55 -38.90 -59.61 -3.20
N LYS A 56 -39.59 -59.81 -4.32
CA LYS A 56 -38.92 -60.17 -5.56
C LYS A 56 -38.12 -59.02 -6.17
N SER A 57 -37.15 -58.50 -5.42
CA SER A 57 -36.29 -57.40 -5.89
C SER A 57 -34.81 -57.85 -5.82
N HIS A 58 -33.87 -56.91 -5.78
CA HIS A 58 -32.45 -57.29 -5.72
C HIS A 58 -31.63 -56.60 -4.63
N ARG A 59 -32.25 -55.68 -3.90
CA ARG A 59 -31.58 -54.97 -2.82
C ARG A 59 -31.98 -55.62 -1.49
N VAL A 60 -31.02 -56.17 -0.77
CA VAL A 60 -31.29 -56.84 0.50
C VAL A 60 -30.85 -56.04 1.72
N GLN A 61 -31.51 -56.25 2.85
CA GLN A 61 -31.13 -55.57 4.09
C GLN A 61 -30.91 -56.61 5.19
N PHE A 62 -29.65 -56.73 5.64
CA PHE A 62 -29.26 -57.68 6.68
C PHE A 62 -29.80 -57.32 8.05
N LYS A 63 -29.54 -58.20 9.02
CA LYS A 63 -30.00 -57.98 10.38
C LYS A 63 -29.25 -56.82 11.01
N ASP A 64 -27.98 -56.66 10.67
CA ASP A 64 -27.18 -55.57 11.22
C ASP A 64 -27.51 -54.24 10.56
N GLY A 65 -28.54 -54.24 9.71
CA GLY A 65 -28.93 -53.01 9.04
C GLY A 65 -28.17 -52.69 7.78
N ALA A 66 -27.17 -53.51 7.44
CA ALA A 66 -26.40 -53.28 6.24
C ALA A 66 -27.25 -53.44 4.98
N LEU A 67 -27.01 -52.59 3.99
CA LEU A 67 -27.73 -52.65 2.72
C LEU A 67 -26.80 -53.43 1.80
N PHE A 68 -27.27 -54.55 1.27
CA PHE A 68 -26.44 -55.40 0.42
C PHE A 68 -26.94 -55.59 -1.00
N PHE A 69 -26.08 -55.23 -1.96
CA PHE A 69 -26.41 -55.40 -3.37
C PHE A 69 -25.63 -56.65 -3.74
N TYR A 70 -26.31 -57.77 -3.93
CA TYR A 70 -25.58 -59.00 -4.27
C TYR A 70 -24.94 -58.89 -5.65
N ARG A 71 -25.48 -57.98 -6.43
CA ARG A 71 -25.02 -57.76 -7.79
C ARG A 71 -25.41 -56.32 -8.11
N THR A 72 -24.43 -55.43 -8.11
CA THR A 72 -24.68 -54.02 -8.38
C THR A 72 -25.11 -53.76 -9.83
N MET A 73 -26.24 -53.09 -9.99
CA MET A 73 -26.80 -52.80 -11.31
C MET A 73 -26.74 -51.36 -11.82
N GLN A 74 -26.51 -51.23 -13.12
CA GLN A 74 -26.40 -49.94 -13.79
C GLN A 74 -26.84 -50.06 -15.25
N GLY A 75 -28.05 -50.55 -15.45
CA GLY A 75 -28.57 -50.71 -16.80
C GLY A 75 -29.77 -49.83 -17.10
N LYS A 76 -30.55 -50.17 -18.12
CA LYS A 76 -31.72 -49.37 -18.45
C LYS A 76 -32.80 -49.51 -17.39
N LYS A 77 -32.99 -50.73 -16.90
CA LYS A 77 -34.01 -51.04 -15.89
C LYS A 77 -33.62 -50.68 -14.46
N GLU A 78 -32.42 -51.10 -14.06
CA GLU A 78 -31.93 -50.85 -12.71
C GLU A 78 -30.69 -49.96 -12.68
N GLN A 79 -30.66 -49.02 -11.73
CA GLN A 79 -29.50 -48.13 -11.58
C GLN A 79 -29.28 -47.85 -10.11
N ASP A 80 -28.38 -48.62 -9.51
CA ASP A 80 -28.08 -48.50 -8.10
C ASP A 80 -27.19 -47.30 -7.76
N GLY A 81 -26.70 -46.61 -8.77
CA GLY A 81 -25.86 -45.46 -8.51
C GLY A 81 -26.62 -44.34 -7.83
N GLY A 82 -26.03 -43.73 -6.81
CA GLY A 82 -26.70 -42.66 -6.11
C GLY A 82 -26.14 -42.34 -4.74
N GLU A 83 -26.92 -41.57 -3.99
CA GLU A 83 -26.55 -41.16 -2.64
C GLU A 83 -27.46 -41.92 -1.67
N TYR A 84 -26.84 -42.71 -0.79
CA TYR A 84 -27.56 -43.55 0.18
C TYR A 84 -27.30 -43.14 1.62
N TRP A 85 -28.24 -43.48 2.50
CA TRP A 85 -28.12 -43.20 3.94
C TRP A 85 -29.22 -43.91 4.75
N CYS A 86 -28.95 -44.14 6.04
CA CYS A 86 -29.92 -44.82 6.90
C CYS A 86 -30.41 -44.02 8.09
N VAL A 87 -31.61 -44.35 8.55
CA VAL A 87 -32.24 -43.71 9.70
C VAL A 87 -32.67 -44.74 10.72
N ALA A 88 -32.21 -44.57 11.97
CA ALA A 88 -32.56 -45.49 13.06
C ALA A 88 -33.62 -44.85 13.95
N LYS A 89 -34.75 -45.54 14.12
CA LYS A 89 -35.85 -45.05 14.95
C LYS A 89 -36.27 -45.96 16.10
N ASN A 90 -37.04 -45.38 17.03
CA ASN A 90 -37.61 -46.08 18.19
C ASN A 90 -38.46 -45.12 19.04
N ARG A 91 -39.27 -45.65 19.95
CA ARG A 91 -40.16 -44.83 20.79
C ARG A 91 -39.61 -43.53 21.36
N VAL A 92 -38.33 -43.52 21.74
CA VAL A 92 -37.69 -42.34 22.31
C VAL A 92 -37.08 -41.32 21.35
N GLY A 93 -36.67 -41.74 20.16
CA GLY A 93 -36.08 -40.82 19.20
C GLY A 93 -35.57 -41.43 17.91
N GLN A 94 -34.62 -40.76 17.27
CA GLN A 94 -34.04 -41.23 16.01
C GLN A 94 -32.76 -40.51 15.62
N ALA A 95 -31.90 -41.22 14.89
CA ALA A 95 -30.64 -40.68 14.43
C ALA A 95 -30.47 -40.93 12.92
N VAL A 96 -29.73 -40.02 12.26
CA VAL A 96 -29.48 -40.15 10.82
C VAL A 96 -28.00 -40.34 10.58
N SER A 97 -27.67 -41.07 9.53
CA SER A 97 -26.28 -41.34 9.18
C SER A 97 -25.80 -40.36 8.11
N ARG A 98 -24.50 -40.42 7.85
CA ARG A 98 -23.88 -39.60 6.82
C ARG A 98 -24.48 -40.09 5.48
N HIS A 99 -24.51 -39.25 4.45
CA HIS A 99 -24.99 -39.72 3.14
C HIS A 99 -23.76 -40.21 2.40
N ALA A 100 -23.76 -41.48 2.00
CA ALA A 100 -22.60 -42.00 1.26
C ALA A 100 -23.00 -42.13 -0.20
N SER A 101 -22.00 -42.11 -1.08
CA SER A 101 -22.28 -42.23 -2.50
C SER A 101 -21.79 -43.56 -3.07
N LEU A 102 -22.69 -44.28 -3.72
CA LEU A 102 -22.34 -45.55 -4.33
C LEU A 102 -22.40 -45.34 -5.82
N GLN A 103 -21.32 -45.65 -6.52
CA GLN A 103 -21.32 -45.50 -7.96
C GLN A 103 -20.57 -46.61 -8.70
N ILE A 104 -21.13 -47.01 -9.84
CA ILE A 104 -20.58 -48.07 -10.68
C ILE A 104 -19.51 -47.55 -11.62
N ALA A 105 -18.34 -48.11 -11.51
CA ALA A 105 -17.23 -47.73 -12.36
C ALA A 105 -17.66 -47.63 -13.83
N VAL A 106 -17.12 -46.64 -14.54
CA VAL A 106 -17.42 -46.47 -15.95
C VAL A 106 -16.17 -46.01 -16.70
N LEU A 107 -16.19 -46.20 -18.02
CA LEU A 107 -15.08 -45.81 -18.88
C LEU A 107 -15.57 -45.42 -20.27
N ARG A 108 -15.92 -44.15 -20.45
CA ARG A 108 -16.39 -43.61 -21.72
C ARG A 108 -15.39 -44.16 -22.76
N ASP A 109 -15.83 -44.53 -23.96
CA ASP A 109 -14.90 -45.11 -24.93
C ASP A 109 -14.52 -44.29 -26.15
N ASP A 110 -14.59 -42.97 -26.03
CA ASP A 110 -14.20 -42.09 -27.12
C ASP A 110 -13.12 -41.20 -26.59
N PHE A 111 -11.96 -41.17 -27.26
CA PHE A 111 -10.87 -40.31 -26.80
C PHE A 111 -11.20 -38.85 -27.10
N ARG A 112 -10.85 -37.97 -26.16
CA ARG A 112 -11.11 -36.54 -26.36
C ARG A 112 -10.24 -36.11 -27.55
N VAL A 113 -8.99 -36.60 -27.57
CA VAL A 113 -8.04 -36.28 -28.63
C VAL A 113 -7.07 -37.46 -28.82
N GLU A 114 -6.83 -37.82 -30.07
CA GLU A 114 -5.91 -38.91 -30.38
C GLU A 114 -4.72 -38.33 -31.13
N PRO A 115 -3.53 -38.95 -31.01
CA PRO A 115 -2.37 -38.43 -31.72
C PRO A 115 -2.48 -38.66 -33.22
N LYS A 116 -1.91 -37.73 -33.99
CA LYS A 116 -1.96 -37.81 -35.45
C LYS A 116 -0.52 -37.85 -35.98
N ASP A 117 -0.31 -38.52 -37.11
CA ASP A 117 1.01 -38.65 -37.72
C ASP A 117 1.75 -37.32 -37.68
N THR A 118 3.02 -37.35 -37.33
CA THR A 118 3.82 -36.13 -37.22
C THR A 118 5.21 -36.25 -37.84
N ARG A 119 5.68 -35.18 -38.47
CA ARG A 119 7.01 -35.13 -39.07
C ARG A 119 7.83 -34.07 -38.34
N VAL A 120 9.12 -34.28 -38.22
CA VAL A 120 9.95 -33.32 -37.50
C VAL A 120 11.44 -33.51 -37.84
N ALA A 121 12.18 -32.41 -37.91
CA ALA A 121 13.61 -32.45 -38.22
C ALA A 121 14.43 -32.64 -36.95
N LYS A 122 15.53 -33.40 -37.04
CA LYS A 122 16.38 -33.64 -35.86
C LYS A 122 16.55 -32.34 -35.05
N GLY A 123 16.83 -32.49 -33.75
CA GLY A 123 17.02 -31.31 -32.92
C GLY A 123 15.74 -30.60 -32.53
N GLU A 124 14.79 -30.55 -33.46
CA GLU A 124 13.51 -29.91 -33.20
C GLU A 124 12.70 -30.64 -32.12
N THR A 125 11.63 -30.01 -31.65
CA THR A 125 10.77 -30.57 -30.60
C THR A 125 9.47 -31.14 -31.14
N ALA A 126 9.17 -32.38 -30.77
CA ALA A 126 7.95 -33.05 -31.22
C ALA A 126 6.91 -33.19 -30.11
N LEU A 127 5.62 -33.16 -30.49
CA LEU A 127 4.55 -33.29 -29.51
C LEU A 127 3.36 -34.12 -30.00
N LEU A 128 3.16 -35.28 -29.39
CA LEU A 128 2.06 -36.15 -29.75
C LEU A 128 0.92 -35.99 -28.76
N GLU A 129 -0.27 -35.73 -29.29
CA GLU A 129 -1.46 -35.50 -28.47
C GLU A 129 -2.24 -36.74 -28.04
N CYS A 130 -2.71 -36.70 -26.79
CA CYS A 130 -3.50 -37.78 -26.23
C CYS A 130 -4.46 -37.27 -25.15
N GLY A 131 -5.75 -37.32 -25.47
CA GLY A 131 -6.79 -36.88 -24.54
C GLY A 131 -7.57 -38.13 -24.18
N PRO A 132 -7.16 -38.83 -23.13
CA PRO A 132 -7.84 -40.05 -22.69
C PRO A 132 -9.32 -39.82 -22.43
N PRO A 133 -10.15 -40.85 -22.68
CA PRO A 133 -11.59 -40.69 -22.45
C PRO A 133 -11.87 -40.56 -20.95
N LYS A 134 -13.03 -40.00 -20.62
CA LYS A 134 -13.42 -39.80 -19.23
C LYS A 134 -13.74 -41.13 -18.55
N GLY A 135 -13.37 -41.24 -17.28
CA GLY A 135 -13.64 -42.47 -16.56
C GLY A 135 -13.58 -42.31 -15.06
N ILE A 136 -14.23 -43.22 -14.35
CA ILE A 136 -14.26 -43.20 -12.91
C ILE A 136 -14.23 -44.64 -12.40
N PRO A 137 -13.19 -45.00 -11.65
CA PRO A 137 -12.03 -44.21 -11.20
C PRO A 137 -11.33 -43.47 -12.34
N GLU A 138 -10.39 -42.61 -11.99
CA GLU A 138 -9.62 -41.86 -12.97
C GLU A 138 -8.84 -42.87 -13.78
N PRO A 139 -8.98 -42.82 -15.12
CA PRO A 139 -8.24 -43.80 -15.93
C PRO A 139 -6.74 -43.51 -15.88
N THR A 140 -5.94 -44.53 -16.16
CA THR A 140 -4.49 -44.38 -16.17
C THR A 140 -4.10 -44.26 -17.62
N LEU A 141 -3.11 -43.44 -17.91
CA LEU A 141 -2.69 -43.28 -19.30
C LEU A 141 -1.22 -43.63 -19.55
N ILE A 142 -1.00 -44.67 -20.36
CA ILE A 142 0.35 -45.10 -20.69
C ILE A 142 0.62 -44.94 -22.21
N TRP A 143 1.89 -44.74 -22.59
CA TRP A 143 2.27 -44.62 -24.00
C TRP A 143 3.01 -45.89 -24.46
N ILE A 144 2.72 -46.32 -25.68
CA ILE A 144 3.36 -47.50 -26.26
C ILE A 144 3.97 -47.18 -27.63
N LYS A 145 5.25 -47.48 -27.81
CA LYS A 145 5.91 -47.25 -29.08
C LYS A 145 6.31 -48.58 -29.70
N ASP A 146 5.62 -48.96 -30.76
CA ASP A 146 5.92 -50.21 -31.44
C ASP A 146 5.90 -51.41 -30.49
N GLY A 147 4.79 -51.59 -29.79
CA GLY A 147 4.65 -52.72 -28.89
C GLY A 147 5.37 -52.65 -27.56
N VAL A 148 6.30 -51.72 -27.41
CA VAL A 148 7.05 -51.58 -26.17
C VAL A 148 6.58 -50.38 -25.34
N PRO A 149 5.94 -50.65 -24.19
CA PRO A 149 5.47 -49.54 -23.36
C PRO A 149 6.61 -48.67 -22.83
N LEU A 150 6.50 -47.37 -23.12
CA LEU A 150 7.49 -46.41 -22.67
C LEU A 150 7.27 -46.23 -21.19
N ASP A 151 8.19 -46.79 -20.41
CA ASP A 151 8.15 -46.72 -18.94
C ASP A 151 8.70 -45.41 -18.39
N ASP A 152 7.78 -44.49 -18.21
CA ASP A 152 8.00 -43.15 -17.68
C ASP A 152 6.61 -42.77 -17.18
N LEU A 153 6.02 -43.69 -16.41
CA LEU A 153 4.71 -43.49 -15.82
C LEU A 153 4.90 -42.76 -14.49
N LYS A 154 6.11 -42.25 -14.30
CA LYS A 154 6.52 -41.52 -13.09
C LYS A 154 6.06 -40.05 -13.07
N ALA A 155 6.75 -39.24 -12.27
CA ALA A 155 6.44 -37.82 -12.14
C ALA A 155 7.70 -37.08 -11.65
N MET A 156 7.53 -35.82 -11.23
CA MET A 156 8.64 -35.01 -10.73
C MET A 156 9.36 -35.69 -9.57
N ALA A 160 13.20 -34.17 -13.27
CA ALA A 160 14.57 -34.23 -13.76
C ALA A 160 14.54 -33.98 -15.27
N SER A 161 15.56 -33.28 -15.78
CA SER A 161 15.63 -32.98 -17.21
C SER A 161 15.92 -34.23 -18.07
N SER A 162 14.89 -35.07 -18.20
CA SER A 162 14.98 -36.31 -18.97
C SER A 162 14.90 -36.00 -20.46
N ARG A 163 14.55 -36.99 -21.26
CA ARG A 163 14.45 -36.81 -22.70
C ARG A 163 12.99 -36.68 -23.13
N VAL A 164 12.30 -37.82 -23.11
CA VAL A 164 10.89 -37.87 -23.47
C VAL A 164 10.10 -37.83 -22.16
N ARG A 165 9.08 -36.98 -22.10
CA ARG A 165 8.28 -36.88 -20.88
C ARG A 165 6.82 -36.52 -21.18
N ILE A 166 5.93 -36.95 -20.29
CA ILE A 166 4.51 -36.67 -20.47
C ILE A 166 4.27 -35.26 -19.95
N VAL A 167 3.33 -34.56 -20.57
CA VAL A 167 3.01 -33.19 -20.18
C VAL A 167 1.55 -32.87 -20.48
N ASP A 168 0.99 -31.95 -19.69
CA ASP A 168 -0.40 -31.53 -19.84
C ASP A 168 -1.32 -32.74 -19.74
N GLY A 169 -0.97 -33.64 -18.83
CA GLY A 169 -1.76 -34.85 -18.61
C GLY A 169 -2.19 -35.61 -19.86
N GLY A 170 -1.28 -36.43 -20.40
CA GLY A 170 -1.62 -37.21 -21.58
C GLY A 170 -0.80 -37.00 -22.82
N ASN A 171 -0.18 -35.83 -22.97
CA ASN A 171 0.62 -35.55 -24.16
C ASN A 171 2.09 -35.94 -24.04
N LEU A 172 2.61 -36.55 -25.10
CA LEU A 172 4.00 -36.98 -25.14
C LEU A 172 4.83 -35.88 -25.79
N LEU A 173 5.91 -35.50 -25.11
CA LEU A 173 6.78 -34.45 -25.58
C LEU A 173 8.21 -34.97 -25.72
N ILE A 174 8.80 -34.74 -26.89
CA ILE A 174 10.17 -35.17 -27.17
C ILE A 174 10.96 -33.91 -27.52
N SER A 175 11.83 -33.49 -26.60
CA SER A 175 12.65 -32.29 -26.74
C SER A 175 13.57 -32.28 -27.96
N ASN A 176 14.67 -33.00 -27.89
CA ASN A 176 15.59 -33.06 -29.02
C ASN A 176 15.29 -34.33 -29.82
N VAL A 177 14.59 -34.20 -30.94
CA VAL A 177 14.25 -35.38 -31.73
C VAL A 177 15.41 -36.02 -32.46
N GLU A 178 15.76 -37.24 -32.03
CA GLU A 178 16.82 -38.02 -32.66
C GLU A 178 16.15 -38.86 -33.76
N PRO A 179 16.91 -39.72 -34.45
CA PRO A 179 16.31 -40.54 -35.50
C PRO A 179 15.71 -41.81 -34.91
N ILE A 180 16.25 -42.22 -33.78
CA ILE A 180 15.79 -43.42 -33.10
C ILE A 180 14.33 -43.24 -32.67
N ASP A 181 13.89 -41.99 -32.51
CA ASP A 181 12.52 -41.68 -32.09
C ASP A 181 11.48 -42.06 -33.12
N GLU A 182 11.93 -42.35 -34.34
CA GLU A 182 11.01 -42.75 -35.39
C GLU A 182 10.25 -43.98 -34.96
N GLY A 183 8.97 -44.04 -35.32
CA GLY A 183 8.19 -45.20 -34.95
C GLY A 183 6.70 -44.91 -34.82
N ASN A 184 5.97 -45.94 -34.40
CA ASN A 184 4.54 -45.83 -34.23
C ASN A 184 4.20 -45.68 -32.77
N TYR A 185 3.51 -44.59 -32.44
CA TYR A 185 3.10 -44.31 -31.07
C TYR A 185 1.59 -44.40 -30.93
N LYS A 186 1.15 -44.81 -29.74
CA LYS A 186 -0.28 -44.91 -29.41
C LYS A 186 -0.41 -44.87 -27.89
N CYS A 187 -1.45 -44.22 -27.38
CA CYS A 187 -1.62 -44.15 -25.94
C CYS A 187 -2.80 -44.98 -25.52
N ILE A 188 -2.72 -45.50 -24.29
CA ILE A 188 -3.76 -46.36 -23.72
C ILE A 188 -4.26 -45.82 -22.39
N ALA A 189 -5.54 -46.05 -22.13
CA ALA A 189 -6.17 -45.62 -20.89
C ALA A 189 -6.82 -46.82 -20.25
N GLN A 190 -6.92 -46.85 -18.93
CA GLN A 190 -7.56 -47.98 -18.26
C GLN A 190 -7.82 -47.83 -16.76
N ASN A 191 -8.94 -48.42 -16.33
CA ASN A 191 -9.36 -48.45 -14.94
C ASN A 191 -10.09 -49.78 -14.75
N LEU A 192 -10.80 -49.95 -13.64
CA LEU A 192 -11.54 -51.18 -13.37
C LEU A 192 -12.34 -51.68 -14.57
N VAL A 193 -13.10 -50.76 -15.17
CA VAL A 193 -13.94 -51.06 -16.33
C VAL A 193 -13.21 -51.80 -17.42
N GLY A 194 -11.97 -51.41 -17.69
CA GLY A 194 -11.21 -52.08 -18.73
C GLY A 194 -10.14 -51.23 -19.39
N THR A 195 -10.01 -51.37 -20.71
CA THR A 195 -9.00 -50.67 -21.50
C THR A 195 -9.52 -49.88 -22.72
N ARG A 196 -8.82 -48.81 -23.07
CA ARG A 196 -9.18 -47.98 -24.22
C ARG A 196 -7.90 -47.60 -24.97
N GLU A 197 -7.88 -47.88 -26.27
CA GLU A 197 -6.71 -47.61 -27.09
C GLU A 197 -6.93 -46.64 -28.24
N SER A 198 -5.98 -45.74 -28.42
CA SER A 198 -6.02 -44.79 -29.51
C SER A 198 -5.35 -45.53 -30.64
N SER A 199 -5.56 -45.09 -31.87
CA SER A 199 -4.92 -45.76 -33.00
C SER A 199 -3.44 -45.39 -33.03
N TYR A 200 -2.68 -46.07 -33.89
CA TYR A 200 -1.25 -45.81 -33.99
C TYR A 200 -0.97 -44.60 -34.86
N ALA A 201 0.02 -43.81 -34.48
CA ALA A 201 0.41 -42.62 -35.24
C ALA A 201 1.91 -42.73 -35.54
N LYS A 202 2.33 -42.38 -36.76
CA LYS A 202 3.76 -42.47 -37.09
C LYS A 202 4.51 -41.16 -36.89
N LEU A 203 5.68 -41.25 -36.29
CA LEU A 203 6.53 -40.09 -36.07
C LEU A 203 7.72 -40.23 -37.01
N ILE A 204 7.81 -39.31 -37.97
CA ILE A 204 8.89 -39.34 -38.94
C ILE A 204 9.93 -38.23 -38.75
N VAL A 205 11.19 -38.64 -38.64
CA VAL A 205 12.28 -37.69 -38.47
C VAL A 205 12.91 -37.44 -39.83
N GLN A 206 12.75 -36.20 -40.32
CA GLN A 206 13.30 -35.77 -41.60
C GLN A 206 14.55 -34.91 -41.40
N VAL A 207 15.53 -35.42 -40.82
N GLN B 6 -22.59 -3.48 42.81
CA GLN B 6 -23.55 -4.42 42.15
C GLN B 6 -23.45 -4.27 40.63
N TYR B 7 -24.01 -3.18 40.12
CA TYR B 7 -23.97 -2.92 38.68
C TYR B 7 -22.70 -2.15 38.32
N GLN B 8 -22.16 -2.45 37.13
CA GLN B 8 -20.95 -1.82 36.62
C GLN B 8 -21.25 -1.09 35.32
N SER B 9 -20.54 0.00 35.06
CA SER B 9 -20.77 0.76 33.83
C SER B 9 -19.98 0.14 32.64
N PRO B 10 -20.45 0.35 31.41
CA PRO B 10 -19.73 -0.23 30.28
C PRO B 10 -18.26 0.20 30.17
N ARG B 11 -17.43 -0.73 29.70
CA ARG B 11 -16.00 -0.49 29.50
C ARG B 11 -15.58 -1.19 28.18
N ILE B 12 -14.82 -0.48 27.35
CA ILE B 12 -14.35 -1.09 26.09
C ILE B 12 -13.06 -1.83 26.40
N ILE B 13 -13.06 -3.14 26.15
CA ILE B 13 -11.89 -3.95 26.46
C ILE B 13 -10.98 -4.19 25.25
N GLU B 14 -11.48 -3.93 24.05
CA GLU B 14 -10.67 -4.07 22.85
C GLU B 14 -11.20 -3.11 21.79
N HIS B 15 -10.38 -2.14 21.41
CA HIS B 15 -10.74 -1.15 20.42
C HIS B 15 -10.51 -1.61 18.98
N PRO B 16 -11.35 -1.14 18.05
CA PRO B 16 -11.19 -1.52 16.65
C PRO B 16 -9.97 -0.75 16.12
N THR B 17 -9.16 -1.38 15.28
CA THR B 17 -7.96 -0.71 14.77
C THR B 17 -8.04 -0.39 13.29
N ASP B 18 -7.34 0.68 12.88
CA ASP B 18 -7.32 1.10 11.48
C ASP B 18 -7.04 -0.09 10.60
N LEU B 19 -7.64 -0.12 9.43
CA LEU B 19 -7.48 -1.24 8.51
C LEU B 19 -7.56 -0.89 7.04
N VAL B 20 -6.67 -1.47 6.25
CA VAL B 20 -6.66 -1.25 4.81
C VAL B 20 -7.02 -2.59 4.17
N VAL B 21 -7.91 -2.55 3.18
CA VAL B 21 -8.32 -3.78 2.55
C VAL B 21 -8.45 -3.70 1.03
N LYS B 22 -8.13 -4.80 0.36
CA LYS B 22 -8.22 -4.87 -1.09
C LYS B 22 -9.71 -4.98 -1.42
N LYS B 23 -10.20 -4.13 -2.32
CA LYS B 23 -11.61 -4.13 -2.72
C LYS B 23 -12.22 -5.53 -2.83
N ASN B 24 -13.47 -5.66 -2.39
CA ASN B 24 -14.24 -6.91 -2.41
C ASN B 24 -13.77 -8.04 -1.48
N GLU B 25 -12.63 -7.84 -0.82
CA GLU B 25 -12.13 -8.85 0.11
C GLU B 25 -12.90 -8.61 1.40
N PRO B 26 -12.88 -9.58 2.32
CA PRO B 26 -13.60 -9.38 3.58
C PRO B 26 -12.85 -8.44 4.51
N ALA B 27 -13.54 -7.92 5.53
CA ALA B 27 -12.95 -7.00 6.51
C ALA B 27 -13.61 -7.12 7.88
N THR B 28 -12.84 -6.83 8.94
CA THR B 28 -13.33 -6.91 10.32
C THR B 28 -12.82 -5.83 11.27
N LEU B 29 -13.76 -5.23 12.01
CA LEU B 29 -13.47 -4.19 12.99
C LEU B 29 -13.96 -4.73 14.34
N ASN B 30 -13.08 -4.85 15.32
CA ASN B 30 -13.47 -5.38 16.61
C ASN B 30 -14.05 -4.40 17.64
N CYS B 31 -14.76 -4.96 18.61
CA CYS B 31 -15.35 -4.19 19.69
C CYS B 31 -15.67 -5.10 20.88
N LYS B 32 -14.66 -5.56 21.60
CA LYS B 32 -14.87 -6.43 22.77
C LYS B 32 -15.23 -5.50 23.92
N VAL B 33 -16.46 -5.68 24.40
CA VAL B 33 -17.05 -4.89 25.46
C VAL B 33 -17.25 -5.64 26.77
N GLU B 34 -17.23 -4.92 27.89
CA GLU B 34 -17.38 -5.51 29.22
C GLU B 34 -18.44 -4.74 30.01
N GLY B 35 -19.27 -5.45 30.77
CA GLY B 35 -20.29 -4.77 31.56
C GLY B 35 -21.40 -5.62 32.15
N LYS B 36 -21.90 -5.23 33.32
CA LYS B 36 -23.00 -5.96 33.97
C LYS B 36 -24.11 -5.01 34.41
N PRO B 37 -25.30 -5.13 33.79
CA PRO B 37 -25.78 -6.03 32.73
C PRO B 37 -24.89 -6.07 31.48
N GLU B 38 -25.03 -7.11 30.67
CA GLU B 38 -24.24 -7.20 29.44
C GLU B 38 -24.62 -6.02 28.59
N PRO B 39 -23.63 -5.22 28.20
CA PRO B 39 -23.89 -4.03 27.37
C PRO B 39 -24.33 -4.37 25.96
N THR B 40 -25.11 -3.49 25.35
CA THR B 40 -25.55 -3.65 23.97
C THR B 40 -24.59 -2.80 23.14
N ILE B 41 -24.14 -3.34 22.01
CA ILE B 41 -23.21 -2.62 21.15
C ILE B 41 -23.82 -2.06 19.88
N GLU B 42 -23.53 -0.78 19.61
CA GLU B 42 -24.03 -0.11 18.41
C GLU B 42 -22.86 0.46 17.60
N TRP B 43 -22.93 0.38 16.26
CA TRP B 43 -21.84 0.90 15.42
C TRP B 43 -22.18 2.18 14.69
N PHE B 44 -21.14 3.00 14.48
CA PHE B 44 -21.28 4.27 13.79
C PHE B 44 -20.23 4.47 12.70
N LYS B 45 -20.67 5.02 11.56
CA LYS B 45 -19.80 5.30 10.44
C LYS B 45 -19.96 6.76 10.06
N ASP B 46 -18.90 7.53 10.24
CA ASP B 46 -18.91 8.95 9.93
C ASP B 46 -20.06 9.66 10.62
N GLY B 47 -20.20 9.41 11.92
CA GLY B 47 -21.25 10.05 12.71
C GLY B 47 -22.65 9.48 12.64
N GLU B 48 -22.92 8.63 11.65
CA GLU B 48 -24.25 8.04 11.50
C GLU B 48 -24.25 6.59 11.98
N PRO B 49 -25.38 6.14 12.52
CA PRO B 49 -25.43 4.75 13.00
C PRO B 49 -25.43 3.75 11.83
N VAL B 50 -24.59 2.72 11.96
CA VAL B 50 -24.48 1.68 10.94
C VAL B 50 -25.66 0.74 11.04
N SER B 51 -26.61 0.89 10.12
CA SER B 51 -27.81 0.09 10.15
C SER B 51 -27.70 -1.38 9.92
N THR B 52 -28.49 -2.00 10.82
CA THR B 52 -28.73 -3.41 10.99
C THR B 52 -29.98 -3.76 10.18
N ASN B 53 -29.75 -4.09 8.91
CA ASN B 53 -30.78 -4.47 7.95
C ASN B 53 -30.06 -5.17 6.82
N GLU B 54 -29.56 -6.36 7.13
CA GLU B 54 -28.82 -7.21 6.20
C GLU B 54 -28.76 -6.62 4.80
N LYS B 55 -29.60 -7.14 3.91
CA LYS B 55 -29.69 -6.72 2.51
C LYS B 55 -29.37 -5.25 2.22
N LYS B 56 -29.61 -4.36 3.18
CA LYS B 56 -29.32 -2.94 2.97
C LYS B 56 -27.80 -2.66 2.84
N SER B 57 -26.98 -3.60 3.33
CA SER B 57 -25.51 -3.51 3.28
C SER B 57 -24.87 -4.90 3.16
N HIS B 58 -23.54 -4.93 3.17
CA HIS B 58 -22.82 -6.21 3.07
C HIS B 58 -22.17 -6.51 4.40
N ARG B 59 -22.80 -6.01 5.47
CA ARG B 59 -22.32 -6.17 6.83
C ARG B 59 -23.16 -7.14 7.66
N VAL B 60 -22.52 -7.62 8.74
CA VAL B 60 -23.08 -8.54 9.70
C VAL B 60 -22.44 -8.18 11.05
N GLN B 61 -23.21 -8.12 12.14
CA GLN B 61 -22.64 -7.79 13.45
C GLN B 61 -22.69 -9.01 14.35
N PHE B 62 -21.56 -9.67 14.54
CA PHE B 62 -21.52 -10.85 15.37
C PHE B 62 -22.06 -10.63 16.79
N LYS B 63 -22.34 -11.71 17.51
CA LYS B 63 -22.84 -11.56 18.86
C LYS B 63 -21.78 -10.87 19.72
N ASP B 64 -20.51 -11.22 19.48
CA ASP B 64 -19.39 -10.64 20.22
C ASP B 64 -19.19 -9.11 20.01
N GLY B 65 -19.93 -8.53 19.05
CA GLY B 65 -19.85 -7.09 18.80
C GLY B 65 -19.03 -6.65 17.59
N ALA B 66 -18.29 -7.58 17.01
CA ALA B 66 -17.46 -7.28 15.86
C ALA B 66 -18.31 -6.94 14.65
N LEU B 67 -17.86 -5.95 13.89
CA LEU B 67 -18.56 -5.54 12.68
C LEU B 67 -17.81 -6.27 11.56
N PHE B 68 -18.54 -7.09 10.81
CA PHE B 68 -17.92 -7.90 9.76
C PHE B 68 -18.42 -7.63 8.34
N PHE B 69 -17.49 -7.26 7.46
CA PHE B 69 -17.80 -7.01 6.07
C PHE B 69 -17.40 -8.28 5.35
N TYR B 70 -18.38 -9.04 4.86
CA TYR B 70 -18.10 -10.29 4.17
C TYR B 70 -17.74 -10.04 2.72
N ARG B 71 -17.57 -8.76 2.41
CA ARG B 71 -17.19 -8.26 1.09
C ARG B 71 -17.20 -6.74 1.22
N THR B 72 -16.00 -6.17 1.36
CA THR B 72 -15.84 -4.74 1.51
C THR B 72 -16.07 -4.04 0.19
N MET B 73 -17.11 -3.21 0.15
CA MET B 73 -17.53 -2.49 -1.04
C MET B 73 -16.98 -1.10 -1.22
N GLN B 74 -16.71 -0.75 -2.48
CA GLN B 74 -16.22 0.58 -2.81
C GLN B 74 -16.65 0.90 -4.24
N GLY B 75 -17.95 0.80 -4.49
CA GLY B 75 -18.47 1.07 -5.82
C GLY B 75 -19.48 2.21 -5.86
N LYS B 76 -20.38 2.13 -6.83
CA LYS B 76 -21.41 3.15 -7.05
C LYS B 76 -22.59 3.03 -6.10
N LYS B 77 -22.89 1.81 -5.68
CA LYS B 77 -24.02 1.58 -4.78
C LYS B 77 -23.61 1.39 -3.31
N GLU B 78 -22.34 1.08 -3.07
CA GLU B 78 -21.85 0.86 -1.72
C GLU B 78 -20.43 1.38 -1.55
N GLN B 79 -20.16 2.02 -0.41
CA GLN B 79 -18.83 2.53 -0.11
C GLN B 79 -18.55 2.40 1.38
N ASP B 80 -17.90 1.31 1.74
CA ASP B 80 -17.61 1.02 3.12
C ASP B 80 -16.46 1.84 3.70
N GLY B 81 -15.78 2.60 2.86
CA GLY B 81 -14.67 3.40 3.36
C GLY B 81 -15.14 4.49 4.31
N GLY B 82 -14.42 4.68 5.40
CA GLY B 82 -14.81 5.70 6.35
C GLY B 82 -14.24 5.52 7.74
N GLU B 83 -14.79 6.28 8.68
CA GLU B 83 -14.38 6.25 10.08
C GLU B 83 -15.45 5.42 10.80
N TYR B 84 -15.05 4.41 11.56
CA TYR B 84 -15.99 3.57 12.31
C TYR B 84 -15.67 3.55 13.80
N TRP B 85 -16.68 3.24 14.62
CA TRP B 85 -16.52 3.14 16.08
C TRP B 85 -17.77 2.57 16.73
N CYS B 86 -17.62 1.98 17.92
CA CYS B 86 -18.74 1.38 18.63
C CYS B 86 -19.02 1.98 20.00
N VAL B 87 -20.26 1.84 20.44
CA VAL B 87 -20.70 2.34 21.73
C VAL B 87 -21.39 1.22 22.50
N ALA B 88 -20.94 0.99 23.73
CA ALA B 88 -21.51 -0.03 24.59
C ALA B 88 -22.40 0.63 25.65
N LYS B 89 -23.66 0.20 25.70
CA LYS B 89 -24.60 0.78 26.64
C LYS B 89 -25.29 -0.20 27.54
N ASN B 90 -25.84 0.32 28.63
CA ASN B 90 -26.63 -0.43 29.61
C ASN B 90 -27.29 0.54 30.58
N ARG B 91 -28.11 0.03 31.49
CA ARG B 91 -28.79 0.88 32.46
C ARG B 91 -27.85 1.87 33.11
N VAL B 92 -26.85 1.32 33.78
CA VAL B 92 -25.89 2.10 34.53
C VAL B 92 -25.03 3.12 33.79
N GLY B 93 -24.75 2.91 32.52
CA GLY B 93 -23.94 3.87 31.77
C GLY B 93 -23.57 3.48 30.34
N GLN B 94 -22.45 4.02 29.85
CA GLN B 94 -21.99 3.71 28.50
C GLN B 94 -20.56 4.14 28.21
N ALA B 95 -19.90 3.43 27.31
CA ALA B 95 -18.53 3.73 26.95
C ALA B 95 -18.37 3.80 25.42
N VAL B 96 -17.42 4.61 24.97
CA VAL B 96 -17.18 4.76 23.53
C VAL B 96 -15.80 4.25 23.19
N SER B 97 -15.64 3.75 21.98
CA SER B 97 -14.35 3.23 21.50
C SER B 97 -13.63 4.29 20.66
N ARG B 98 -12.37 4.03 20.34
CA ARG B 98 -11.62 4.96 19.51
C ARG B 98 -12.21 4.82 18.13
N HIS B 99 -12.10 5.86 17.32
CA HIS B 99 -12.60 5.81 15.95
C HIS B 99 -11.51 5.20 15.08
N ALA B 100 -11.83 4.13 14.38
CA ALA B 100 -10.83 3.52 13.50
C ALA B 100 -11.22 3.83 12.07
N SER B 101 -10.23 3.83 11.18
CA SER B 101 -10.51 4.12 9.79
C SER B 101 -10.37 2.87 8.91
N LEU B 102 -11.41 2.58 8.14
CA LEU B 102 -11.38 1.45 7.24
C LEU B 102 -11.36 2.02 5.84
N GLN B 103 -10.39 1.63 5.02
CA GLN B 103 -10.34 2.13 3.65
C GLN B 103 -9.87 1.07 2.66
N ILE B 104 -10.46 1.12 1.46
CA ILE B 104 -10.18 0.16 0.37
C ILE B 104 -8.98 0.58 -0.47
N ALA B 105 -8.05 -0.33 -0.68
CA ALA B 105 -6.84 -0.06 -1.43
C ALA B 105 -7.07 0.41 -2.86
N VAL B 106 -6.25 1.37 -3.28
CA VAL B 106 -6.35 1.91 -4.63
C VAL B 106 -4.97 2.23 -5.18
N LEU B 107 -4.89 2.35 -6.50
CA LEU B 107 -3.65 2.68 -7.17
C LEU B 107 -3.91 3.44 -8.47
N ARG B 108 -4.02 4.76 -8.37
CA ARG B 108 -4.26 5.58 -9.56
C ARG B 108 -3.27 5.02 -10.59
N ASP B 109 -3.59 5.12 -11.89
CA ASP B 109 -2.69 4.58 -12.91
C ASP B 109 -2.03 5.55 -13.89
N ASP B 110 -1.85 6.79 -13.47
CA ASP B 110 -1.19 7.78 -14.29
C ASP B 110 -0.02 8.29 -13.50
N PHE B 111 1.18 8.22 -14.07
CA PHE B 111 2.37 8.72 -13.35
C PHE B 111 2.36 10.25 -13.31
N ARG B 112 2.78 10.82 -12.20
CA ARG B 112 2.83 12.27 -12.08
C ARG B 112 3.87 12.76 -13.07
N VAL B 113 4.98 12.03 -13.13
CA VAL B 113 6.10 12.34 -14.03
C VAL B 113 6.81 11.05 -14.44
N GLU B 114 7.12 10.93 -15.71
CA GLU B 114 7.84 9.76 -16.22
C GLU B 114 9.19 10.23 -16.74
N PRO B 115 10.21 9.35 -16.71
CA PRO B 115 11.53 9.76 -17.21
C PRO B 115 11.55 9.89 -18.74
N LYS B 116 12.38 10.80 -19.23
CA LYS B 116 12.52 11.07 -20.66
C LYS B 116 13.95 10.82 -21.11
N ASP B 117 14.11 10.37 -22.35
CA ASP B 117 15.44 10.11 -22.88
C ASP B 117 16.39 11.20 -22.47
N THR B 118 17.59 10.83 -22.06
CA THR B 118 18.59 11.80 -21.61
C THR B 118 19.99 11.53 -22.16
N ARG B 119 20.70 12.61 -22.50
CA ARG B 119 22.07 12.52 -23.00
C ARG B 119 22.99 13.19 -21.97
N VAL B 120 24.23 12.72 -21.86
CA VAL B 120 25.17 13.27 -20.89
C VAL B 120 26.61 12.83 -21.17
N ALA B 121 27.55 13.74 -20.94
CA ALA B 121 28.96 13.46 -21.17
C ALA B 121 29.60 12.80 -19.94
N LYS B 122 30.49 11.84 -20.17
CA LYS B 122 31.17 11.13 -19.08
C LYS B 122 31.37 12.02 -17.86
N GLY B 123 31.12 11.48 -16.67
CA GLY B 123 31.30 12.24 -15.45
C GLY B 123 30.15 13.18 -15.12
N GLU B 124 29.67 13.88 -16.15
CA GLU B 124 28.57 14.82 -16.04
C GLU B 124 27.40 14.15 -15.33
N THR B 125 26.86 14.80 -14.31
CA THR B 125 25.76 14.25 -13.51
C THR B 125 24.43 14.09 -14.24
N ALA B 126 23.85 12.90 -14.18
CA ALA B 126 22.57 12.61 -14.85
C ALA B 126 21.41 12.46 -13.87
N LEU B 127 20.21 12.85 -14.28
CA LEU B 127 19.05 12.74 -13.41
C LEU B 127 17.77 12.32 -14.12
N LEU B 128 17.30 11.11 -13.84
CA LEU B 128 16.10 10.59 -14.48
C LEU B 128 14.92 10.76 -13.55
N GLU B 129 13.85 11.37 -14.06
CA GLU B 129 12.64 11.66 -13.28
C GLU B 129 11.61 10.54 -13.20
N CYS B 130 11.01 10.42 -12.03
CA CYS B 130 9.95 9.43 -11.80
C CYS B 130 9.01 9.89 -10.70
N GLY B 131 7.78 10.19 -11.08
CA GLY B 131 6.76 10.63 -10.14
C GLY B 131 5.70 9.55 -10.10
N PRO B 132 5.88 8.55 -9.23
CA PRO B 132 4.92 7.44 -9.13
C PRO B 132 3.51 7.91 -8.92
N PRO B 133 2.53 7.16 -9.45
CA PRO B 133 1.14 7.56 -9.28
C PRO B 133 0.75 7.42 -7.80
N LYS B 134 -0.29 8.16 -7.39
CA LYS B 134 -0.74 8.12 -6.02
C LYS B 134 -1.42 6.79 -5.73
N GLY B 135 -1.26 6.31 -4.48
CA GLY B 135 -1.86 5.05 -4.09
C GLY B 135 -1.92 4.87 -2.59
N ILE B 136 -2.81 3.98 -2.15
CA ILE B 136 -2.97 3.71 -0.74
C ILE B 136 -3.28 2.24 -0.57
N PRO B 137 -2.40 1.51 0.14
CA PRO B 137 -1.16 1.92 0.81
C PRO B 137 -0.23 2.72 -0.09
N GLU B 138 0.83 3.26 0.51
CA GLU B 138 1.82 4.02 -0.23
C GLU B 138 2.47 3.05 -1.20
N PRO B 139 2.48 3.40 -2.49
CA PRO B 139 3.10 2.50 -3.45
C PRO B 139 4.60 2.45 -3.25
N THR B 140 5.23 1.38 -3.72
CA THR B 140 6.67 1.22 -3.61
C THR B 140 7.24 1.54 -4.97
N LEU B 141 8.40 2.17 -5.00
CA LEU B 141 9.00 2.52 -6.28
C LEU B 141 10.38 1.95 -6.51
N ILE B 142 10.51 1.09 -7.52
CA ILE B 142 11.78 0.46 -7.86
C ILE B 142 12.24 0.87 -9.27
N TRP B 143 13.55 0.85 -9.51
CA TRP B 143 14.06 1.20 -10.83
C TRP B 143 14.59 -0.04 -11.53
N ILE B 144 14.35 -0.14 -12.84
CA ILE B 144 14.81 -1.27 -13.64
C ILE B 144 15.59 -0.82 -14.86
N LYS B 145 16.81 -1.33 -15.01
CA LYS B 145 17.64 -0.98 -16.17
C LYS B 145 17.83 -2.19 -17.05
N ASP B 146 17.21 -2.17 -18.23
CA ASP B 146 17.32 -3.29 -19.16
C ASP B 146 16.96 -4.62 -18.53
N GLY B 147 15.79 -4.70 -17.93
CA GLY B 147 15.33 -5.95 -17.32
C GLY B 147 15.90 -6.32 -15.96
N VAL B 148 16.96 -5.65 -15.55
CA VAL B 148 17.60 -5.94 -14.27
C VAL B 148 17.28 -4.90 -13.23
N PRO B 149 16.51 -5.29 -12.20
CA PRO B 149 16.17 -4.31 -11.16
C PRO B 149 17.37 -3.83 -10.37
N LEU B 150 17.57 -2.53 -10.35
CA LEU B 150 18.65 -1.91 -9.59
C LEU B 150 18.05 -1.97 -8.19
N ASP B 151 18.11 -3.10 -7.50
CA ASP B 151 17.45 -3.14 -6.18
C ASP B 151 18.28 -3.01 -4.93
N ASP B 152 19.56 -2.70 -5.10
CA ASP B 152 20.45 -2.57 -3.94
C ASP B 152 21.16 -1.22 -3.86
N LEU B 153 20.41 -0.17 -3.53
CA LEU B 153 21.01 1.15 -3.45
C LEU B 153 21.06 1.67 -2.03
N LYS B 154 22.01 2.57 -1.80
CA LYS B 154 22.22 3.22 -0.50
C LYS B 154 22.32 4.75 -0.74
N ALA B 155 22.26 5.55 0.33
CA ALA B 155 22.34 7.00 0.17
C ALA B 155 23.70 7.57 0.57
N SER B 161 27.70 9.35 0.45
CA SER B 161 28.28 9.33 -0.89
C SER B 161 27.36 8.58 -1.87
N SER B 162 27.84 7.46 -2.41
CA SER B 162 27.08 6.62 -3.34
C SER B 162 26.87 7.22 -4.72
N ARG B 163 27.56 6.64 -5.70
CA ARG B 163 27.53 7.06 -7.10
C ARG B 163 26.13 7.09 -7.69
N VAL B 164 25.35 6.04 -7.45
CA VAL B 164 23.98 5.94 -7.94
C VAL B 164 23.06 5.85 -6.73
N ARG B 165 21.92 6.53 -6.78
CA ARG B 165 21.01 6.53 -5.66
C ARG B 165 19.73 7.23 -6.02
N ILE B 166 18.69 6.96 -5.24
CA ILE B 166 17.39 7.57 -5.44
C ILE B 166 17.38 8.86 -4.63
N VAL B 167 16.67 9.86 -5.14
CA VAL B 167 16.58 11.15 -4.47
C VAL B 167 15.25 11.83 -4.77
N ASP B 168 14.80 12.66 -3.84
CA ASP B 168 13.54 13.39 -3.99
C ASP B 168 12.40 12.40 -4.22
N GLY B 169 12.45 11.28 -3.51
CA GLY B 169 11.42 10.27 -3.61
C GLY B 169 11.01 9.90 -5.03
N GLY B 170 11.79 9.03 -5.67
CA GLY B 170 11.45 8.60 -7.00
C GLY B 170 12.43 8.88 -8.13
N ASN B 171 13.26 9.91 -7.97
CA ASN B 171 14.21 10.24 -9.01
C ASN B 171 15.55 9.53 -8.89
N LEU B 172 16.06 9.06 -10.03
CA LEU B 172 17.33 8.37 -10.07
C LEU B 172 18.42 9.39 -10.39
N LEU B 173 19.48 9.37 -9.59
CA LEU B 173 20.59 10.29 -9.74
C LEU B 173 21.88 9.51 -9.93
N ILE B 174 22.63 9.86 -10.98
CA ILE B 174 23.91 9.24 -11.29
C ILE B 174 24.98 10.34 -11.29
N SER B 175 25.81 10.36 -10.25
CA SER B 175 26.86 11.36 -10.07
C SER B 175 27.89 11.44 -11.20
N ASN B 176 28.81 10.51 -11.24
CA ASN B 176 29.81 10.51 -12.28
C ASN B 176 29.36 9.52 -13.35
N VAL B 177 28.81 10.02 -14.44
CA VAL B 177 28.34 9.15 -15.49
C VAL B 177 29.42 8.43 -16.28
N GLU B 178 29.48 7.11 -16.14
CA GLU B 178 30.43 6.28 -16.87
C GLU B 178 29.73 5.85 -18.15
N PRO B 179 30.38 5.01 -18.98
CA PRO B 179 29.74 4.57 -20.22
C PRO B 179 28.84 3.36 -19.98
N ILE B 180 29.15 2.60 -18.91
CA ILE B 180 28.40 1.42 -18.50
C ILE B 180 27.01 1.80 -17.97
N ASP B 181 26.75 3.10 -17.85
CA ASP B 181 25.45 3.58 -17.38
C ASP B 181 24.47 3.66 -18.55
N GLU B 182 24.99 3.55 -19.78
CA GLU B 182 24.12 3.59 -20.96
C GLU B 182 23.11 2.47 -20.87
N GLY B 183 21.89 2.76 -21.32
CA GLY B 183 20.85 1.74 -21.29
C GLY B 183 19.45 2.30 -21.21
N ASN B 184 18.50 1.40 -21.06
CA ASN B 184 17.11 1.79 -20.96
C ASN B 184 16.62 1.69 -19.52
N TYR B 185 16.14 2.82 -18.99
CA TYR B 185 15.65 2.87 -17.62
C TYR B 185 14.15 3.07 -17.58
N LYS B 186 13.50 2.51 -16.56
CA LYS B 186 12.05 2.66 -16.34
C LYS B 186 11.80 2.41 -14.87
N CYS B 187 10.83 3.12 -14.28
CA CYS B 187 10.56 2.91 -12.87
C CYS B 187 9.19 2.24 -12.73
N ILE B 188 9.04 1.50 -11.65
CA ILE B 188 7.81 0.77 -11.35
C ILE B 188 7.27 1.12 -9.96
N ALA B 189 5.96 1.11 -9.82
CA ALA B 189 5.29 1.41 -8.55
C ALA B 189 4.34 0.26 -8.26
N GLN B 190 4.14 -0.05 -6.98
CA GLN B 190 3.22 -1.13 -6.64
C GLN B 190 2.84 -1.26 -5.17
N ASN B 191 1.60 -1.67 -4.95
CA ASN B 191 1.01 -1.90 -3.62
C ASN B 191 0.00 -3.04 -3.81
N LEU B 192 -0.82 -3.30 -2.80
CA LEU B 192 -1.82 -4.36 -2.87
C LEU B 192 -2.57 -4.41 -4.20
N VAL B 193 -3.08 -3.26 -4.62
CA VAL B 193 -3.84 -3.14 -5.86
C VAL B 193 -3.13 -3.75 -7.05
N GLY B 194 -1.82 -3.57 -7.13
CA GLY B 194 -1.10 -4.13 -8.26
C GLY B 194 0.19 -3.42 -8.64
N THR B 195 0.43 -3.29 -9.94
CA THR B 195 1.63 -2.67 -10.48
C THR B 195 1.39 -1.57 -11.51
N ARG B 196 2.32 -0.62 -11.57
CA ARG B 196 2.28 0.50 -12.51
C ARG B 196 3.68 0.74 -13.10
N GLU B 197 3.77 0.73 -14.43
CA GLU B 197 5.04 0.92 -15.10
C GLU B 197 5.14 2.12 -16.03
N SER B 198 6.24 2.85 -15.89
CA SER B 198 6.51 3.99 -16.74
C SER B 198 7.12 3.38 -17.97
N SER B 199 7.18 4.14 -19.06
CA SER B 199 7.77 3.60 -20.27
C SER B 199 9.30 3.64 -20.12
N TYR B 200 10.00 3.01 -21.07
CA TYR B 200 11.45 2.96 -21.03
C TYR B 200 12.06 4.25 -21.60
N ALA B 201 13.13 4.72 -20.98
CA ALA B 201 13.83 5.93 -21.42
C ALA B 201 15.32 5.56 -21.65
N LYS B 202 15.91 6.09 -22.73
CA LYS B 202 17.31 5.77 -23.06
C LYS B 202 18.34 6.80 -22.61
N LEU B 203 19.28 6.34 -21.77
CA LEU B 203 20.36 7.21 -21.27
C LEU B 203 21.60 7.03 -22.13
N ILE B 204 21.97 8.08 -22.85
CA ILE B 204 23.12 8.03 -23.74
C ILE B 204 24.32 8.85 -23.25
N VAL B 205 25.45 8.16 -23.13
CA VAL B 205 26.68 8.80 -22.69
C VAL B 205 27.42 9.20 -23.97
N GLN B 206 27.26 10.48 -24.32
CA GLN B 206 27.85 11.07 -25.53
C GLN B 206 29.34 11.28 -25.36
N VAL B 207 30.00 11.63 -26.37
N GLN C 6 -1.46 37.81 51.43
CA GLN C 6 -2.94 37.82 51.22
C GLN C 6 -3.34 38.54 49.92
N TYR C 7 -2.69 39.68 49.66
CA TYR C 7 -2.94 40.51 48.48
C TYR C 7 -1.69 41.17 47.89
N GLN C 8 -1.41 40.85 46.62
CA GLN C 8 -0.25 41.41 45.90
C GLN C 8 -0.69 42.12 44.62
N SER C 9 -0.14 43.32 44.39
CA SER C 9 -0.51 44.07 43.20
C SER C 9 0.31 43.61 41.99
N PRO C 10 -0.27 43.68 40.78
CA PRO C 10 0.43 43.26 39.57
C PRO C 10 1.91 43.68 39.50
N ARG C 11 2.74 42.74 39.07
CA ARG C 11 4.18 42.97 38.92
C ARG C 11 4.65 42.19 37.67
N ILE C 12 5.27 42.89 36.73
CA ILE C 12 5.75 42.26 35.50
C ILE C 12 7.02 41.43 35.73
N ILE C 13 6.90 40.12 35.57
CA ILE C 13 8.01 39.18 35.80
C ILE C 13 8.94 39.06 34.61
N GLU C 14 8.43 39.39 33.42
CA GLU C 14 9.24 39.27 32.23
C GLU C 14 8.68 40.16 31.14
N HIS C 15 9.50 41.11 30.71
CA HIS C 15 9.11 42.07 29.68
C HIS C 15 9.32 41.56 28.26
N PRO C 16 8.48 41.98 27.33
CA PRO C 16 8.64 41.54 25.95
C PRO C 16 9.85 42.29 25.38
N THR C 17 10.68 41.63 24.57
CA THR C 17 11.87 42.28 24.01
C THR C 17 11.77 42.55 22.52
N ASP C 18 12.46 43.58 22.05
CA ASP C 18 12.44 43.93 20.63
C ASP C 18 12.75 42.68 19.78
N LEU C 19 12.10 42.60 18.62
CA LEU C 19 12.27 41.45 17.76
C LEU C 19 12.15 41.74 16.26
N VAL C 20 13.06 41.13 15.50
CA VAL C 20 13.06 41.27 14.04
C VAL C 20 12.71 39.90 13.47
N VAL C 21 11.82 39.88 12.48
CA VAL C 21 11.41 38.60 11.92
C VAL C 21 11.24 38.60 10.40
N LYS C 22 11.52 37.44 9.80
CA LYS C 22 11.40 37.26 8.36
C LYS C 22 9.92 37.18 8.03
N LYS C 23 9.46 38.00 7.10
CA LYS C 23 8.05 38.00 6.71
C LYS C 23 7.45 36.59 6.65
N ASN C 24 6.21 36.49 7.12
CA ASN C 24 5.45 35.23 7.17
C ASN C 24 5.94 34.16 8.14
N GLU C 25 7.08 34.39 8.77
CA GLU C 25 7.59 33.42 9.75
C GLU C 25 6.82 33.73 11.04
N PRO C 26 6.85 32.79 12.00
CA PRO C 26 6.13 33.04 13.25
C PRO C 26 6.91 34.03 14.14
N ALA C 27 6.22 34.60 15.13
CA ALA C 27 6.83 35.56 16.06
C ALA C 27 6.17 35.50 17.46
N THR C 28 6.97 35.82 18.49
CA THR C 28 6.47 35.82 19.87
C THR C 28 6.98 36.95 20.78
N LEU C 29 6.04 37.59 21.49
CA LEU C 29 6.34 38.66 22.43
C LEU C 29 5.87 38.17 23.79
N ASN C 30 6.76 38.12 24.77
CA ASN C 30 6.39 37.65 26.10
C ASN C 30 5.80 38.66 27.07
N CYS C 31 5.10 38.16 28.08
CA CYS C 31 4.51 38.99 29.12
C CYS C 31 4.25 38.15 30.38
N LYS C 32 5.33 37.90 31.12
CA LYS C 32 5.24 37.11 32.35
C LYS C 32 4.73 38.00 33.48
N VAL C 33 3.51 37.74 33.92
CA VAL C 33 2.87 38.52 34.96
C VAL C 33 2.69 37.81 36.29
N GLU C 34 2.72 38.59 37.37
CA GLU C 34 2.58 38.06 38.72
C GLU C 34 1.50 38.86 39.49
N GLY C 35 0.66 38.18 40.26
CA GLY C 35 -0.36 38.90 41.01
C GLY C 35 -1.44 38.04 41.66
N LYS C 36 -1.94 38.49 42.82
CA LYS C 36 -2.98 37.80 43.58
C LYS C 36 -4.09 38.78 43.92
N PRO C 37 -5.28 38.61 43.32
CA PRO C 37 -5.79 37.63 42.35
C PRO C 37 -4.90 37.54 41.11
N GLU C 38 -5.05 36.47 40.33
CA GLU C 38 -4.26 36.33 39.11
C GLU C 38 -4.65 37.49 38.19
N PRO C 39 -3.65 38.28 37.75
CA PRO C 39 -3.93 39.41 36.86
C PRO C 39 -4.38 39.01 35.46
N THR C 40 -5.20 39.86 34.85
CA THR C 40 -5.65 39.62 33.48
C THR C 40 -4.71 40.46 32.60
N ILE C 41 -4.27 39.87 31.49
CA ILE C 41 -3.34 40.54 30.59
C ILE C 41 -3.97 41.05 29.31
N GLU C 42 -3.68 42.30 28.96
CA GLU C 42 -4.21 42.91 27.74
C GLU C 42 -3.05 43.44 26.90
N TRP C 43 -3.14 43.31 25.57
CA TRP C 43 -2.06 43.79 24.70
C TRP C 43 -2.40 45.04 23.90
N PHE C 44 -1.37 45.86 23.65
CA PHE C 44 -1.50 47.11 22.89
C PHE C 44 -0.47 47.27 21.79
N LYS C 45 -0.94 47.74 20.64
CA LYS C 45 -0.07 47.99 19.49
C LYS C 45 -0.25 49.44 19.04
N ASP C 46 0.82 50.21 19.19
CA ASP C 46 0.79 51.61 18.81
C ASP C 46 -0.37 52.35 19.47
N GLY C 47 -0.50 52.16 20.78
CA GLY C 47 -1.54 52.85 21.53
C GLY C 47 -2.94 52.26 21.50
N GLU C 48 -3.21 51.36 20.55
CA GLU C 48 -4.53 50.74 20.45
C GLU C 48 -4.51 49.33 21.02
N PRO C 49 -5.64 48.88 21.56
CA PRO C 49 -5.67 47.53 22.11
C PRO C 49 -5.66 46.47 21.01
N VAL C 50 -4.84 45.44 21.18
CA VAL C 50 -4.74 44.36 20.22
C VAL C 50 -5.91 43.41 20.38
N SER C 51 -6.88 43.49 19.48
CA SER C 51 -8.06 42.63 19.55
C SER C 51 -7.76 41.15 19.29
N THR C 52 -7.96 40.28 20.29
CA THR C 52 -7.72 38.85 20.11
C THR C 52 -8.72 38.00 20.90
N LYS C 56 -11.70 33.07 13.93
CA LYS C 56 -11.45 34.50 14.02
C LYS C 56 -10.36 34.77 15.04
N SER C 57 -9.13 34.92 14.55
CA SER C 57 -7.96 35.20 15.39
C SER C 57 -6.67 35.18 14.55
N HIS C 58 -5.92 36.27 14.61
CA HIS C 58 -4.67 36.39 13.85
C HIS C 58 -3.44 36.34 14.77
N ARG C 59 -3.53 37.05 15.89
CA ARG C 59 -2.44 37.08 16.87
C ARG C 59 -2.96 36.39 18.12
N VAL C 60 -3.11 35.06 18.05
CA VAL C 60 -3.60 34.28 19.17
C VAL C 60 -2.85 34.63 20.47
N GLN C 61 -3.58 34.91 21.55
CA GLN C 61 -2.95 35.24 22.83
C GLN C 61 -2.82 33.99 23.69
N PHE C 62 -1.59 33.65 24.06
CA PHE C 62 -1.37 32.47 24.89
C PHE C 62 -1.79 32.74 26.31
N LYS C 63 -2.33 31.72 26.96
CA LYS C 63 -2.82 31.83 28.33
C LYS C 63 -1.80 32.41 29.32
N ASP C 64 -0.52 32.10 29.09
CA ASP C 64 0.55 32.60 29.95
C ASP C 64 0.73 34.10 29.69
N GLY C 65 -0.05 34.63 28.75
CA GLY C 65 0.00 36.04 28.42
C GLY C 65 0.81 36.41 27.18
N ALA C 66 1.58 35.45 26.66
CA ALA C 66 2.39 35.69 25.49
C ALA C 66 1.53 35.98 24.24
N LEU C 67 1.97 36.94 23.43
CA LEU C 67 1.27 37.29 22.21
C LEU C 67 2.00 36.51 21.13
N PHE C 68 1.28 35.66 20.42
CA PHE C 68 1.87 34.80 19.40
C PHE C 68 1.35 35.01 17.97
N PHE C 69 2.28 35.32 17.07
CA PHE C 69 1.94 35.50 15.67
C PHE C 69 2.39 34.20 15.01
N TYR C 70 1.44 33.41 14.50
CA TYR C 70 1.81 32.14 13.85
C TYR C 70 2.43 32.35 12.45
N ARG C 71 2.21 33.54 11.89
CA ARG C 71 2.75 33.91 10.57
C ARG C 71 2.77 35.44 10.40
N THR C 72 3.71 36.07 11.11
CA THR C 72 3.88 37.53 11.10
C THR C 72 3.63 38.14 9.72
N MET C 73 2.62 39.00 9.64
CA MET C 73 2.22 39.64 8.39
C MET C 73 2.71 41.06 8.15
N GLN C 74 2.95 41.37 6.88
CA GLN C 74 3.41 42.69 6.46
C GLN C 74 2.97 42.95 5.02
N GLY C 75 1.67 42.83 4.79
CA GLY C 75 1.13 43.03 3.46
C GLY C 75 0.18 44.19 3.32
N LYS C 76 -0.61 44.14 2.25
CA LYS C 76 -1.58 45.16 1.87
C LYS C 76 -2.86 45.23 2.72
N LYS C 77 -2.97 44.33 3.68
CA LYS C 77 -4.11 44.29 4.60
C LYS C 77 -3.60 44.16 6.01
N GLU C 78 -2.74 43.17 6.25
CA GLU C 78 -2.20 42.97 7.59
C GLU C 78 -0.77 43.50 7.71
N GLN C 79 -0.50 44.20 8.81
CA GLN C 79 0.82 44.74 9.08
C GLN C 79 1.11 44.67 10.57
N ASP C 80 1.77 43.61 10.98
CA ASP C 80 2.09 43.38 12.38
C ASP C 80 3.23 44.24 12.91
N GLY C 81 3.88 44.97 12.02
CA GLY C 81 4.98 45.81 12.46
C GLY C 81 4.52 46.93 13.37
N GLY C 82 5.25 47.15 14.45
CA GLY C 82 4.88 48.23 15.36
C GLY C 82 5.44 48.13 16.77
N GLU C 83 4.88 48.96 17.65
CA GLU C 83 5.25 49.02 19.07
C GLU C 83 4.21 48.28 19.93
N TYR C 84 4.64 47.20 20.59
CA TYR C 84 3.75 46.38 21.41
C TYR C 84 4.09 46.44 22.89
N TRP C 85 3.10 46.17 23.73
CA TRP C 85 3.27 46.13 25.19
C TRP C 85 2.01 45.58 25.88
N CYS C 86 2.19 45.03 27.09
CA CYS C 86 1.07 44.46 27.84
C CYS C 86 0.81 45.12 29.19
N VAL C 87 -0.44 45.01 29.63
CA VAL C 87 -0.88 45.56 30.91
C VAL C 87 -1.54 44.47 31.74
N ALA C 88 -1.06 44.30 32.97
CA ALA C 88 -1.61 43.31 33.89
C ALA C 88 -2.44 43.97 34.98
N LYS C 89 -3.57 43.38 35.35
CA LYS C 89 -4.37 44.00 36.37
C LYS C 89 -5.23 43.06 37.23
N ASN C 90 -5.42 43.44 38.49
CA ASN C 90 -6.27 42.69 39.42
C ASN C 90 -7.02 43.78 40.19
N ARG C 91 -8.00 43.41 41.00
CA ARG C 91 -8.81 44.40 41.75
C ARG C 91 -8.04 45.37 42.63
N VAL C 92 -6.80 45.01 42.96
CA VAL C 92 -5.94 45.84 43.78
C VAL C 92 -5.09 46.87 43.00
N GLY C 93 -4.79 46.58 41.73
CA GLY C 93 -3.99 47.50 40.93
C GLY C 93 -3.62 47.03 39.52
N GLN C 94 -2.51 47.55 38.99
CA GLN C 94 -2.07 47.18 37.66
C GLN C 94 -0.63 47.61 37.35
N ALA C 95 0.01 46.88 36.45
CA ALA C 95 1.39 47.19 36.05
C ALA C 95 1.51 47.19 34.52
N VAL C 96 2.44 48.00 34.03
CA VAL C 96 2.67 48.08 32.59
C VAL C 96 4.05 47.56 32.25
N SER C 97 4.18 46.99 31.06
CA SER C 97 5.46 46.45 30.58
C SER C 97 6.16 47.47 29.71
N ARG C 98 7.40 47.18 29.35
CA ARG C 98 8.09 48.09 28.48
C ARG C 98 7.50 47.92 27.09
N HIS C 99 7.67 48.92 26.25
CA HIS C 99 7.16 48.81 24.90
C HIS C 99 8.25 48.16 24.06
N ALA C 100 7.94 47.04 23.42
CA ALA C 100 8.93 46.40 22.56
C ALA C 100 8.53 46.64 21.10
N SER C 101 9.51 46.61 20.20
CA SER C 101 9.21 46.83 18.80
C SER C 101 9.38 45.55 17.98
N LEU C 102 8.34 45.21 17.24
CA LEU C 102 8.37 44.03 16.39
C LEU C 102 8.35 44.54 14.97
N GLN C 103 9.34 44.12 14.19
CA GLN C 103 9.37 44.52 12.78
C GLN C 103 9.83 43.41 11.84
N ILE C 104 9.23 43.39 10.64
CA ILE C 104 9.51 42.38 9.62
C ILE C 104 10.77 42.68 8.79
N ALA C 105 11.79 41.77 8.87
CA ALA C 105 13.05 41.91 8.11
C ALA C 105 12.76 41.93 6.63
N VAL C 106 13.38 42.88 5.93
CA VAL C 106 13.18 43.02 4.50
C VAL C 106 14.48 43.45 3.82
N LEU C 107 14.52 43.25 2.50
CA LEU C 107 15.70 43.60 1.72
C LEU C 107 15.33 43.99 0.29
N ARG C 108 15.07 45.27 0.06
CA ARG C 108 14.72 45.76 -1.29
C ARG C 108 15.73 45.16 -2.26
N ASP C 109 15.29 44.74 -3.43
CA ASP C 109 16.23 44.12 -4.36
C ASP C 109 16.69 44.91 -5.57
N ASP C 110 16.65 46.23 -5.47
CA ASP C 110 17.12 47.08 -6.55
C ASP C 110 18.19 47.96 -5.97
N PHE C 111 19.37 47.96 -6.57
CA PHE C 111 20.46 48.80 -6.07
C PHE C 111 20.19 50.25 -6.41
N ARG C 112 20.51 51.15 -5.48
CA ARG C 112 20.31 52.57 -5.72
C ARG C 112 21.24 52.97 -6.87
N VAL C 113 22.47 52.45 -6.82
CA VAL C 113 23.48 52.72 -7.82
C VAL C 113 24.42 51.53 -7.94
N GLU C 114 24.73 51.13 -9.17
CA GLU C 114 25.63 50.02 -9.41
C GLU C 114 26.87 50.55 -10.10
N PRO C 115 28.02 49.91 -9.89
CA PRO C 115 29.24 50.40 -10.55
C PRO C 115 29.23 50.14 -12.05
N LYS C 116 29.86 51.02 -12.82
CA LYS C 116 29.93 50.87 -14.26
C LYS C 116 31.39 50.69 -14.67
N ASP C 117 31.61 50.16 -15.86
CA ASP C 117 32.97 49.96 -16.36
C ASP C 117 33.73 51.26 -16.29
N THR C 118 34.97 51.21 -15.86
CA THR C 118 35.79 52.42 -15.73
C THR C 118 37.22 52.26 -16.26
N ARG C 119 37.72 53.34 -16.87
CA ARG C 119 39.06 53.40 -17.43
C ARG C 119 39.88 54.43 -16.64
N VAL C 120 41.18 54.18 -16.48
CA VAL C 120 42.00 55.11 -15.72
C VAL C 120 43.48 54.88 -15.98
N ALA C 121 44.25 55.97 -16.05
CA ALA C 121 45.69 55.91 -16.29
C ALA C 121 46.49 55.69 -15.01
N LYS C 122 47.58 54.93 -15.16
CA LYS C 122 48.48 54.58 -14.07
C LYS C 122 48.57 55.69 -13.03
N GLY C 123 48.50 55.31 -11.75
CA GLY C 123 48.59 56.27 -10.66
C GLY C 123 47.39 57.16 -10.40
N GLU C 124 46.66 57.49 -11.47
CA GLU C 124 45.45 58.34 -11.39
C GLU C 124 44.47 57.75 -10.33
N THR C 125 43.46 58.52 -9.89
CA THR C 125 42.49 58.01 -8.88
C THR C 125 41.19 57.45 -9.47
N ALA C 126 40.84 56.22 -9.07
CA ALA C 126 39.63 55.57 -9.57
C ALA C 126 38.53 55.48 -8.52
N LEU C 127 37.27 55.54 -8.96
CA LEU C 127 36.15 55.46 -8.05
C LEU C 127 34.96 54.65 -8.59
N LEU C 128 34.72 53.49 -7.98
CA LEU C 128 33.61 52.63 -8.39
C LEU C 128 32.44 52.84 -7.45
N GLU C 129 31.27 53.10 -8.05
CA GLU C 129 30.05 53.36 -7.31
C GLU C 129 29.22 52.15 -6.89
N CYS C 130 28.68 52.23 -5.68
CA CYS C 130 27.83 51.18 -5.15
C CYS C 130 26.82 51.73 -4.13
N GLY C 131 25.56 51.70 -4.54
CA GLY C 131 24.48 52.18 -3.68
C GLY C 131 23.64 50.97 -3.33
N PRO C 132 23.99 50.28 -2.23
CA PRO C 132 23.26 49.09 -1.80
C PRO C 132 21.77 49.34 -1.62
N PRO C 133 20.94 48.33 -1.91
CA PRO C 133 19.50 48.53 -1.75
C PRO C 133 19.20 48.70 -0.26
N LYS C 134 18.14 49.42 0.09
CA LYS C 134 17.83 49.58 1.50
C LYS C 134 17.31 48.26 2.07
N GLY C 135 17.49 48.11 3.37
CA GLY C 135 17.07 46.90 4.03
C GLY C 135 17.06 47.09 5.53
N ILE C 136 16.34 46.21 6.22
CA ILE C 136 16.24 46.27 7.67
C ILE C 136 16.21 44.85 8.20
N PRO C 137 17.21 44.48 9.02
CA PRO C 137 18.37 45.24 9.51
C PRO C 137 19.15 45.94 8.41
N GLU C 138 20.09 46.80 8.81
CA GLU C 138 20.93 47.50 7.86
C GLU C 138 21.72 46.45 7.08
N PRO C 139 21.65 46.48 5.75
CA PRO C 139 22.41 45.47 5.01
C PRO C 139 23.91 45.72 5.13
N THR C 140 24.70 44.68 4.90
CA THR C 140 26.15 44.80 4.96
C THR C 140 26.63 44.86 3.53
N LEU C 141 27.65 45.66 3.27
CA LEU C 141 28.15 45.78 1.91
C LEU C 141 29.62 45.42 1.76
N ILE C 142 29.87 44.37 0.99
CA ILE C 142 31.23 43.90 0.75
C ILE C 142 31.59 44.03 -0.74
N TRP C 143 32.89 44.19 -1.04
CA TRP C 143 33.33 44.26 -2.44
C TRP C 143 34.06 42.98 -2.84
N ILE C 144 33.83 42.52 -4.08
CA ILE C 144 34.48 41.32 -4.59
C ILE C 144 35.15 41.60 -5.93
N LYS C 145 36.44 41.27 -6.02
CA LYS C 145 37.19 41.45 -7.27
C LYS C 145 37.59 40.11 -7.84
N ASP C 146 36.96 39.73 -8.95
CA ASP C 146 37.25 38.45 -9.59
C ASP C 146 37.15 37.28 -8.61
N GLY C 147 36.00 37.16 -7.96
CA GLY C 147 35.78 36.05 -7.04
C GLY C 147 36.42 36.13 -5.68
N VAL C 148 37.36 37.04 -5.49
CA VAL C 148 38.05 37.18 -4.22
C VAL C 148 37.57 38.40 -3.44
N PRO C 149 36.87 38.17 -2.32
CA PRO C 149 36.38 39.29 -1.54
C PRO C 149 37.50 40.14 -0.96
N LEU C 150 37.45 41.44 -1.27
CA LEU C 150 38.44 42.39 -0.79
C LEU C 150 38.17 42.65 0.66
N ASP C 151 39.11 42.21 1.49
CA ASP C 151 39.07 42.41 2.94
C ASP C 151 40.02 43.56 3.31
N ASP C 152 39.46 44.76 3.40
CA ASP C 152 40.22 45.97 3.72
C ASP C 152 40.00 46.46 5.16
N LEU C 153 41.10 46.88 5.79
CA LEU C 153 41.09 47.40 7.17
C LEU C 153 40.56 48.84 7.27
N LYS C 154 39.72 49.11 8.28
CA LYS C 154 39.15 50.44 8.50
C LYS C 154 40.04 51.27 9.42
N SER C 162 45.79 54.03 3.94
CA SER C 162 45.38 53.02 2.95
C SER C 162 45.51 53.58 1.53
N ARG C 163 45.35 52.70 0.53
CA ARG C 163 45.41 53.08 -0.88
C ARG C 163 44.03 52.87 -1.52
N VAL C 164 43.48 51.67 -1.36
CA VAL C 164 42.14 51.35 -1.87
C VAL C 164 41.27 51.30 -0.61
N ARG C 165 40.15 52.04 -0.62
CA ARG C 165 39.27 52.06 0.56
C ARG C 165 37.80 52.29 0.24
N ILE C 166 36.94 52.00 1.21
CA ILE C 166 35.52 52.25 1.02
C ILE C 166 35.27 53.67 1.50
N VAL C 167 34.39 54.38 0.81
CA VAL C 167 34.10 55.76 1.16
C VAL C 167 32.66 56.11 0.76
N ASP C 168 32.08 57.06 1.49
CA ASP C 168 30.71 57.51 1.24
C ASP C 168 29.75 56.32 1.33
N GLY C 169 30.00 55.43 2.29
CA GLY C 169 29.18 54.25 2.49
C GLY C 169 28.81 53.46 1.22
N GLY C 170 29.74 52.62 0.77
CA GLY C 170 29.46 51.82 -0.41
C GLY C 170 30.37 51.98 -1.61
N ASN C 171 31.01 53.13 -1.74
CA ASN C 171 31.88 53.35 -2.90
C ASN C 171 33.33 52.94 -2.69
N LEU C 172 33.89 52.30 -3.71
CA LEU C 172 35.27 51.85 -3.66
C LEU C 172 36.16 52.92 -4.27
N LEU C 173 37.20 53.30 -3.54
CA LEU C 173 38.13 54.32 -3.99
C LEU C 173 39.55 53.76 -4.04
N ILE C 174 40.21 53.95 -5.18
CA ILE C 174 41.58 53.49 -5.38
C ILE C 174 42.43 54.73 -5.71
N SER C 175 43.24 55.16 -4.74
CA SER C 175 44.10 56.34 -4.87
C SER C 175 45.09 56.30 -6.05
N ASN C 176 46.17 55.55 -5.89
CA ASN C 176 47.15 55.45 -6.98
C ASN C 176 46.86 54.16 -7.73
N VAL C 177 46.24 54.29 -8.90
CA VAL C 177 45.90 53.09 -9.69
C VAL C 177 47.09 52.40 -10.34
N GLU C 178 47.39 51.20 -9.88
CA GLU C 178 48.46 50.39 -10.44
C GLU C 178 47.84 49.53 -11.55
N PRO C 179 48.62 48.64 -12.19
CA PRO C 179 48.05 47.82 -13.25
C PRO C 179 47.40 46.57 -12.65
N ILE C 180 47.85 46.23 -11.45
CA ILE C 180 47.36 45.08 -10.70
C ILE C 180 45.86 45.25 -10.41
N ASP C 181 45.43 46.50 -10.33
CA ASP C 181 44.05 46.83 -10.02
C ASP C 181 43.08 46.45 -11.11
N GLU C 182 43.59 46.11 -12.29
CA GLU C 182 42.72 45.72 -13.39
C GLU C 182 41.91 44.50 -12.97
N GLY C 183 40.66 44.45 -13.40
CA GLY C 183 39.82 43.33 -13.06
C GLY C 183 38.34 43.64 -13.01
N ASN C 184 37.56 42.65 -12.62
CA ASN C 184 36.12 42.79 -12.54
C ASN C 184 35.69 42.98 -11.10
N TYR C 185 35.01 44.09 -10.83
CA TYR C 185 34.54 44.41 -9.48
C TYR C 185 33.03 44.34 -9.43
N LYS C 186 32.51 44.00 -8.26
CA LYS C 186 31.06 43.94 -8.00
C LYS C 186 30.87 44.04 -6.50
N CYS C 187 29.80 44.68 -6.06
CA CYS C 187 29.56 44.79 -4.63
C CYS C 187 28.33 43.99 -4.27
N ILE C 188 28.32 43.49 -3.03
CA ILE C 188 27.24 42.67 -2.50
C ILE C 188 26.68 43.24 -1.21
N ALA C 189 25.38 43.05 -1.02
CA ALA C 189 24.70 43.52 0.19
C ALA C 189 23.98 42.32 0.80
N GLN C 190 23.83 42.32 2.12
CA GLN C 190 23.14 41.22 2.78
C GLN C 190 22.80 41.41 4.26
N ASN C 191 21.65 40.86 4.65
CA ASN C 191 21.14 40.86 6.01
C ASN C 191 20.35 39.56 6.16
N LEU C 192 19.57 39.44 7.23
CA LEU C 192 18.77 38.22 7.49
C LEU C 192 18.02 37.73 6.26
N VAL C 193 17.33 38.65 5.60
CA VAL C 193 16.55 38.33 4.42
C VAL C 193 17.32 37.54 3.37
N GLY C 194 18.59 37.91 3.18
CA GLY C 194 19.39 37.22 2.18
C GLY C 194 20.53 38.02 1.57
N THR C 195 20.71 37.85 0.25
CA THR C 195 21.79 38.51 -0.48
C THR C 195 21.35 39.27 -1.75
N ARG C 196 22.09 40.33 -2.09
CA ARG C 196 21.83 41.14 -3.28
C ARG C 196 23.13 41.49 -3.97
N GLU C 197 23.22 41.16 -5.25
CA GLU C 197 24.44 41.39 -5.99
C GLU C 197 24.33 42.32 -7.17
N SER C 198 25.30 43.22 -7.29
CA SER C 198 25.35 44.14 -8.40
C SER C 198 26.06 43.35 -9.50
N SER C 199 25.94 43.78 -10.75
CA SER C 199 26.61 43.08 -11.81
C SER C 199 28.11 43.41 -11.75
N TYR C 200 28.91 42.71 -12.55
CA TYR C 200 30.34 42.94 -12.59
C TYR C 200 30.72 44.11 -13.49
N ALA C 201 31.69 44.90 -13.04
CA ALA C 201 32.15 46.05 -13.83
C ALA C 201 33.66 45.91 -14.05
N LYS C 202 34.14 46.23 -15.26
CA LYS C 202 35.56 46.10 -15.57
C LYS C 202 36.41 47.37 -15.38
N LEU C 203 37.46 47.30 -14.56
CA LEU C 203 38.34 48.45 -14.35
C LEU C 203 39.57 48.28 -15.21
N ILE C 204 39.74 49.17 -16.20
CA ILE C 204 40.88 49.09 -17.10
C ILE C 204 41.92 50.18 -16.89
N VAL C 205 43.16 49.75 -16.69
CA VAL C 205 44.27 50.67 -16.48
C VAL C 205 45.03 50.89 -17.79
N GLN C 206 45.12 52.15 -18.22
CA GLN C 206 45.83 52.54 -19.44
C GLN C 206 45.36 53.91 -19.90
N VAL C 207 45.79 54.36 -20.99
#